data_3QF1
#
_entry.id   3QF1
#
_cell.length_a   54.150
_cell.length_b   80.180
_cell.length_c   76.730
_cell.angle_alpha   90.00
_cell.angle_beta   102.37
_cell.angle_gamma   90.00
#
_symmetry.space_group_name_H-M   'P 1 21 1'
#
loop_
_entity.id
_entity.type
_entity.pdbx_description
1 polymer Lactoperoxidase
2 branched 2-acetamido-2-deoxy-beta-D-glucopyranose-(1-4)-2-acetamido-2-deoxy-beta-D-glucopyranose
3 non-polymer 2-acetamido-2-deoxy-beta-D-glucopyranose
4 non-polymer 'CALCIUM ION'
5 non-polymer 'PROTOPORPHYRIN IX CONTAINING FE'
6 non-polymer 'IODIDE ION'
7 non-polymer piperazine
8 non-polymer 'THIOCYANATE ION'
9 non-polymer GLYCEROL
10 non-polymer 1,2-ETHANEDIOL
11 water water
#
_entity_poly.entity_id   1
_entity_poly.type   'polypeptide(L)'
_entity_poly.pdbx_seq_one_letter_code
;SWEVGCGAPVPLVTCDEQSPYRTITGDCNNRRSPALGAANRALARWLPAEYEDGLAVPFGWTQRKTRNGFRVPLAREVSN
KIVGYLDEEGVLDQNRSLLFMQWGQIVDHDLDFAPETELGSSEHSKVQCEEYCVQGDECFPIMFPKNDPKLKTQGKCMPF
FRAGFVCPTPPYQSLARDQINAVTSFLDASLVYGSEP(SEP)LASRLRNLSSPLGLMAVNQEAWDHGLAYPPFNNVKPSP
CEFINTTAHVPCFQAGDSRASEQILLATVHTLLLREHNRLARELKRLNPHWDGEMLYQEARKILGAFIQIITFRDYLPIV
LGSEMQKWIPPYQGYNNSVDPRISNVFTFAFRFGHMEVPSTVSRLDENYQPWGPEAELPLHTLFFNTWRIIKDGGIDPLV
RGLLAKNSKLMNQNKMVTSELRNKLFQPTHKVHGFDLAAINLQRCRDHGMPGYNSWRGFCGLSQPKTLKGLQAVLKNKVL
AKKLLDLYKTPDNIDIWIGGNAEPMVERGRVGPLLACLLGRQFQQIRDGDRFWWENPGVFTEKQRDSLQKVSFSRLICDN
THITKVPLHAFQANNYPHDFVDCSAVDKLDLSPWASREN
;
_entity_poly.pdbx_strand_id   A
#
# COMPACT_ATOMS: atom_id res chain seq x y z
N SER A 1 -18.20 -13.67 -24.63
CA SER A 1 -17.93 -13.62 -23.17
C SER A 1 -17.63 -15.00 -22.60
N TRP A 2 -16.44 -15.13 -21.99
CA TRP A 2 -15.93 -16.39 -21.45
C TRP A 2 -16.79 -16.96 -20.35
N GLU A 3 -17.02 -16.13 -19.35
CA GLU A 3 -18.14 -16.20 -18.46
C GLU A 3 -18.51 -14.75 -18.18
N VAL A 4 -19.78 -14.43 -18.34
CA VAL A 4 -20.32 -13.09 -18.03
C VAL A 4 -20.31 -12.73 -16.53
N GLY A 5 -20.17 -13.74 -15.68
CA GLY A 5 -20.07 -13.54 -14.22
C GLY A 5 -19.75 -14.90 -13.61
N CYS A 6 -18.75 -14.95 -12.72
CA CYS A 6 -18.27 -16.22 -12.19
C CYS A 6 -18.43 -16.41 -10.65
N GLY A 7 -18.32 -17.65 -10.20
CA GLY A 7 -18.61 -18.07 -8.83
C GLY A 7 -17.61 -17.81 -7.71
N ALA A 8 -18.00 -18.11 -6.48
CA ALA A 8 -17.12 -17.90 -5.32
C ALA A 8 -17.26 -16.59 -4.54
N PRO A 9 -18.36 -15.86 -4.75
CA PRO A 9 -18.58 -14.58 -4.09
C PRO A 9 -19.74 -14.64 -3.09
N VAL A 10 -19.66 -13.94 -1.95
CA VAL A 10 -20.73 -14.04 -1.01
C VAL A 10 -22.06 -13.64 -1.67
N PRO A 11 -22.97 -14.60 -1.71
CA PRO A 11 -24.33 -14.43 -2.21
C PRO A 11 -25.20 -13.56 -1.31
N LEU A 12 -24.97 -13.66 -0.01
CA LEU A 12 -25.81 -12.97 0.95
C LEU A 12 -25.18 -11.60 1.15
N VAL A 13 -25.42 -10.72 0.20
CA VAL A 13 -25.03 -9.33 0.29
C VAL A 13 -26.24 -8.65 -0.34
N THR A 14 -26.83 -7.69 0.36
CA THR A 14 -28.02 -7.05 -0.20
C THR A 14 -28.05 -5.59 0.21
N CYS A 15 -28.78 -4.79 -0.54
CA CYS A 15 -28.67 -3.35 -0.36
C CYS A 15 -29.84 -2.57 0.29
N ASP A 16 -29.53 -1.81 1.34
CA ASP A 16 -30.52 -0.86 1.92
C ASP A 16 -30.81 0.18 0.83
N GLU A 17 -29.78 0.88 0.40
CA GLU A 17 -29.83 1.81 -0.71
C GLU A 17 -30.19 3.25 -0.41
N GLN A 18 -30.65 3.53 0.80
CA GLN A 18 -30.84 4.90 1.22
C GLN A 18 -30.14 5.24 2.55
N SER A 19 -29.33 4.31 3.03
CA SER A 19 -28.51 4.48 4.20
C SER A 19 -27.40 5.50 3.96
N PRO A 20 -26.92 6.14 5.00
CA PRO A 20 -25.94 7.20 4.81
C PRO A 20 -24.49 6.68 4.88
N TYR A 21 -24.31 5.40 5.24
CA TYR A 21 -22.96 4.89 5.48
C TYR A 21 -22.54 3.77 4.55
N ARG A 22 -21.26 3.76 4.18
CA ARG A 22 -20.79 2.73 3.27
C ARG A 22 -20.89 1.41 4.00
N THR A 23 -21.06 0.34 3.24
CA THR A 23 -20.87 -0.99 3.81
C THR A 23 -19.36 -1.17 4.10
N ILE A 24 -19.04 -2.17 4.91
CA ILE A 24 -17.67 -2.49 5.24
C ILE A 24 -16.99 -3.12 4.01
N THR A 25 -17.77 -3.92 3.28
CA THR A 25 -17.27 -4.73 2.17
C THR A 25 -17.12 -4.03 0.83
N GLY A 26 -17.62 -2.79 0.76
CA GLY A 26 -17.60 -2.02 -0.48
C GLY A 26 -18.86 -2.21 -1.32
N ASP A 27 -19.53 -3.33 -1.12
CA ASP A 27 -20.83 -3.62 -1.75
C ASP A 27 -21.83 -2.47 -1.58
N CYS A 28 -22.75 -2.34 -2.54
CA CYS A 28 -23.81 -1.31 -2.50
C CYS A 28 -23.36 0.12 -2.73
N ASN A 29 -22.19 0.32 -3.30
CA ASN A 29 -21.71 1.68 -3.53
C ASN A 29 -22.43 2.07 -4.77
N ASN A 30 -22.24 1.26 -5.79
CA ASN A 30 -22.89 1.44 -7.07
C ASN A 30 -24.25 0.76 -7.00
N ARG A 31 -25.29 1.48 -7.39
CA ARG A 31 -26.62 0.92 -7.53
C ARG A 31 -26.88 -0.02 -8.70
N ARG A 32 -26.37 0.35 -9.87
CA ARG A 32 -26.52 -0.40 -11.10
C ARG A 32 -25.82 -1.77 -11.07
N SER A 33 -24.60 -1.79 -10.57
CA SER A 33 -23.93 -3.04 -10.23
C SER A 33 -23.35 -2.91 -8.84
N PRO A 34 -23.94 -3.62 -7.90
CA PRO A 34 -23.58 -3.54 -6.50
C PRO A 34 -22.20 -4.05 -6.13
N ALA A 35 -21.79 -5.13 -6.77
CA ALA A 35 -20.50 -5.73 -6.50
C ALA A 35 -19.30 -4.87 -6.86
N LEU A 36 -19.47 -3.94 -7.79
CA LEU A 36 -18.40 -3.07 -8.20
C LEU A 36 -17.85 -2.25 -7.07
N GLY A 37 -16.53 -2.29 -6.94
CA GLY A 37 -15.80 -1.64 -5.87
C GLY A 37 -15.67 -2.40 -4.57
N ALA A 38 -16.21 -3.60 -4.51
CA ALA A 38 -16.17 -4.39 -3.31
C ALA A 38 -15.04 -5.42 -3.17
N ALA A 39 -14.62 -5.66 -1.94
CA ALA A 39 -13.62 -6.65 -1.63
C ALA A 39 -14.02 -8.04 -2.08
N ASN A 40 -13.01 -8.87 -2.29
CA ASN A 40 -13.20 -10.24 -2.57
C ASN A 40 -13.74 -10.57 -3.94
N ARG A 41 -13.83 -9.54 -4.78
CA ARG A 41 -14.02 -9.71 -6.22
C ARG A 41 -12.64 -9.66 -6.91
N ALA A 42 -12.67 -9.82 -8.24
CA ALA A 42 -11.47 -9.76 -9.06
C ALA A 42 -11.00 -8.34 -9.37
N LEU A 43 -9.69 -8.19 -9.52
CA LEU A 43 -9.09 -6.92 -9.92
C LEU A 43 -9.51 -6.69 -11.35
N ALA A 44 -9.84 -5.45 -11.68
CA ALA A 44 -10.17 -5.18 -13.08
C ALA A 44 -8.97 -5.42 -14.05
N ARG A 45 -9.29 -5.79 -15.30
CA ARG A 45 -8.29 -5.99 -16.35
C ARG A 45 -8.48 -4.88 -17.34
N TRP A 46 -7.64 -3.86 -17.28
CA TRP A 46 -7.69 -2.78 -18.25
C TRP A 46 -7.21 -3.29 -19.61
N LEU A 47 -6.40 -4.36 -19.59
CA LEU A 47 -5.93 -5.08 -20.80
C LEU A 47 -5.93 -6.58 -20.57
N PRO A 48 -6.26 -7.35 -21.62
CA PRO A 48 -6.27 -8.81 -21.52
C PRO A 48 -5.01 -9.35 -20.88
N ALA A 49 -5.20 -10.33 -20.01
CA ALA A 49 -4.11 -10.87 -19.25
C ALA A 49 -3.21 -11.58 -20.23
N GLU A 50 -1.92 -11.64 -19.93
CA GLU A 50 -0.99 -12.32 -20.83
C GLU A 50 -0.29 -13.42 -20.09
N TYR A 51 -0.72 -14.64 -20.38
CA TYR A 51 -0.16 -15.83 -19.77
C TYR A 51 0.55 -16.70 -20.82
N GLU A 52 1.42 -17.58 -20.36
CA GLU A 52 2.19 -18.50 -21.19
C GLU A 52 1.28 -19.44 -21.99
N ASP A 53 0.24 -19.96 -21.35
CA ASP A 53 -0.75 -20.79 -22.02
C ASP A 53 -1.99 -19.99 -22.43
N GLY A 54 -1.96 -18.70 -22.19
CA GLY A 54 -3.02 -17.82 -22.54
C GLY A 54 -4.10 -17.84 -21.49
N LEU A 55 -3.96 -18.69 -20.49
CA LEU A 55 -4.97 -18.85 -19.46
C LEU A 55 -4.50 -18.42 -18.08
N ALA A 56 -3.70 -19.27 -17.43
CA ALA A 56 -3.24 -19.00 -16.09
C ALA A 56 -1.75 -19.05 -15.77
N VAL A 57 -0.99 -19.69 -16.64
CA VAL A 57 0.43 -19.93 -16.42
C VAL A 57 1.33 -18.74 -16.76
N PRO A 58 2.28 -18.48 -15.89
CA PRO A 58 3.21 -17.36 -16.01
C PRO A 58 4.38 -17.49 -17.00
N PHE A 59 4.78 -16.38 -17.60
CA PHE A 59 5.96 -16.34 -18.44
C PHE A 59 7.19 -16.57 -17.55
N GLY A 60 8.03 -17.53 -17.96
CA GLY A 60 9.20 -17.89 -17.18
C GLY A 60 8.89 -19.13 -16.35
N TRP A 61 7.83 -19.84 -16.71
CA TRP A 61 7.43 -21.04 -16.00
C TRP A 61 7.92 -22.29 -16.77
N THR A 62 7.85 -22.21 -18.09
CA THR A 62 8.27 -23.30 -18.97
C THR A 62 9.47 -22.78 -19.73
N GLN A 63 10.63 -23.33 -19.39
CA GLN A 63 11.92 -22.85 -19.89
C GLN A 63 12.03 -22.60 -21.38
N ARG A 64 11.58 -23.57 -22.17
CA ARG A 64 11.65 -23.45 -23.62
C ARG A 64 10.60 -22.45 -24.20
N LYS A 65 9.56 -22.15 -23.42
CA LYS A 65 8.50 -21.26 -23.90
C LYS A 65 8.90 -19.79 -23.80
N THR A 66 9.33 -19.25 -24.92
CA THR A 66 9.74 -17.87 -24.99
C THR A 66 8.52 -16.91 -25.00
N ARG A 67 8.75 -15.64 -24.66
CA ARG A 67 7.76 -14.56 -24.87
C ARG A 67 8.35 -13.75 -26.05
N ASN A 68 7.60 -13.63 -27.13
CA ASN A 68 8.11 -13.00 -28.36
C ASN A 68 9.45 -13.56 -28.92
N GLY A 69 9.71 -14.84 -28.66
CA GLY A 69 10.90 -15.48 -29.21
C GLY A 69 12.14 -15.30 -28.37
N PHE A 70 11.96 -14.92 -27.11
CA PHE A 70 13.08 -14.70 -26.20
C PHE A 70 12.73 -15.21 -24.81
N ARG A 71 13.70 -15.83 -24.15
CA ARG A 71 13.50 -16.23 -22.77
C ARG A 71 13.46 -14.98 -21.89
N VAL A 72 12.50 -14.96 -20.97
CA VAL A 72 12.40 -13.86 -19.99
C VAL A 72 13.47 -14.12 -18.92
N PRO A 73 14.20 -13.07 -18.54
CA PRO A 73 15.26 -13.26 -17.55
C PRO A 73 14.70 -13.59 -16.19
N LEU A 74 15.51 -14.23 -15.33
CA LEU A 74 15.10 -14.50 -13.96
C LEU A 74 14.95 -13.20 -13.21
N ALA A 75 13.93 -13.14 -12.36
CA ALA A 75 13.61 -11.97 -11.55
C ALA A 75 14.81 -11.46 -10.73
N ARG A 76 15.51 -12.41 -10.09
CA ARG A 76 16.65 -12.12 -9.20
C ARG A 76 17.83 -11.56 -9.98
N GLU A 77 17.96 -12.02 -11.22
CA GLU A 77 19.02 -11.50 -12.08
C GLU A 77 18.74 -10.04 -12.44
N VAL A 78 17.55 -9.75 -12.98
CA VAL A 78 17.09 -8.35 -13.14
C VAL A 78 17.29 -7.60 -11.80
N SER A 79 17.01 -8.27 -10.69
CA SER A 79 17.22 -7.61 -9.41
C SER A 79 18.70 -7.25 -9.21
N ASN A 80 19.58 -8.23 -9.43
CA ASN A 80 21.03 -8.05 -9.23
C ASN A 80 21.71 -7.11 -10.20
N LYS A 81 21.23 -7.08 -11.44
CA LYS A 81 21.97 -6.32 -12.43
C LYS A 81 21.49 -4.91 -12.52
N ILE A 82 20.17 -4.71 -12.36
CA ILE A 82 19.64 -3.35 -12.42
C ILE A 82 19.19 -2.67 -11.11
N VAL A 83 18.45 -3.40 -10.30
CA VAL A 83 17.85 -2.87 -9.07
C VAL A 83 18.80 -2.52 -7.92
N GLY A 84 19.81 -3.35 -7.69
CA GLY A 84 20.68 -3.21 -6.54
C GLY A 84 21.67 -2.08 -6.64
N TYR A 85 22.19 -1.72 -5.46
CA TYR A 85 23.23 -0.70 -5.27
C TYR A 85 23.82 -0.80 -3.84
N LEU A 86 25.05 -0.31 -3.68
CA LEU A 86 25.77 -0.43 -2.44
C LEU A 86 25.81 0.86 -1.63
N ASP A 87 26.02 1.99 -2.31
CA ASP A 87 26.27 3.28 -1.64
C ASP A 87 25.07 4.15 -1.22
N GLU A 88 24.76 4.18 0.08
CA GLU A 88 23.57 4.91 0.52
C GLU A 88 23.76 6.41 0.66
N GLU A 89 24.97 6.89 0.41
CA GLU A 89 25.22 8.32 0.43
C GLU A 89 24.63 8.95 -0.80
N GLY A 90 23.92 10.06 -0.61
CA GLY A 90 23.41 10.83 -1.74
C GLY A 90 22.14 10.33 -2.39
N VAL A 91 21.44 9.44 -1.68
CA VAL A 91 20.19 8.91 -2.18
C VAL A 91 18.93 9.57 -1.63
N LEU A 92 19.07 10.37 -0.57
CA LEU A 92 17.88 10.95 0.06
C LEU A 92 17.29 12.07 -0.76
N ASP A 93 15.99 12.27 -0.59
CA ASP A 93 15.24 13.21 -1.39
C ASP A 93 15.20 14.51 -0.64
N GLN A 94 15.91 15.47 -1.21
CA GLN A 94 16.03 16.79 -0.62
C GLN A 94 14.69 17.45 -0.38
N ASN A 95 13.67 17.08 -1.16
CA ASN A 95 12.37 17.69 -0.93
C ASN A 95 11.16 16.74 -0.70
N ARG A 96 11.42 15.57 -0.10
CA ARG A 96 10.37 14.64 0.29
C ARG A 96 10.64 13.98 1.68
N SER A 97 9.79 14.32 2.64
CA SER A 97 9.95 13.78 3.97
C SER A 97 9.71 12.26 4.00
N LEU A 98 10.25 11.59 5.00
CA LEU A 98 9.93 10.17 5.18
C LEU A 98 8.42 9.91 5.23
N LEU A 99 7.62 10.91 5.57
CA LEU A 99 6.18 10.68 5.60
C LEU A 99 5.65 10.48 4.19
N PHE A 100 6.36 11.05 3.22
CA PHE A 100 5.94 10.93 1.85
C PHE A 100 5.96 9.45 1.49
N MET A 101 7.00 8.72 1.86
CA MET A 101 6.98 7.27 1.62
C MET A 101 5.84 6.62 2.40
N GLN A 102 5.80 6.83 3.71
CA GLN A 102 4.79 6.13 4.48
C GLN A 102 3.34 6.28 4.07
N TRP A 103 3.00 7.38 3.40
CA TRP A 103 1.57 7.67 3.15
C TRP A 103 1.10 6.90 1.94
N GLY A 104 1.98 6.87 0.94
CA GLY A 104 1.81 5.97 -0.19
C GLY A 104 1.57 4.51 0.22
N GLN A 105 2.31 3.99 1.19
CA GLN A 105 2.10 2.60 1.62
C GLN A 105 0.77 2.48 2.34
N ILE A 106 0.42 3.50 3.10
CA ILE A 106 -0.89 3.55 3.75
C ILE A 106 -2.02 3.64 2.73
N VAL A 107 -1.98 4.62 1.83
CA VAL A 107 -3.02 4.70 0.80
C VAL A 107 -3.12 3.38 0.02
N ASP A 108 -1.99 2.88 -0.46
CA ASP A 108 -1.98 1.64 -1.23
C ASP A 108 -2.69 0.46 -0.54
N HIS A 109 -2.58 0.40 0.78
CA HIS A 109 -3.12 -0.70 1.56
C HIS A 109 -4.62 -0.55 1.67
N ASP A 110 -5.08 0.70 1.58
CA ASP A 110 -6.51 0.95 1.64
C ASP A 110 -7.17 0.46 0.33
N LEU A 111 -6.44 0.60 -0.76
CA LEU A 111 -6.97 0.33 -2.09
C LEU A 111 -6.86 -1.08 -2.58
N ASP A 112 -5.77 -1.78 -2.28
CA ASP A 112 -5.59 -3.14 -2.79
C ASP A 112 -4.76 -4.15 -2.02
N PHE A 113 -5.22 -5.40 -2.02
CA PHE A 113 -4.41 -6.50 -1.50
C PHE A 113 -4.67 -7.76 -2.31
N ALA A 114 -3.64 -8.34 -2.94
CA ALA A 114 -3.84 -9.67 -3.56
C ALA A 114 -3.03 -10.70 -2.77
N PRO A 115 -3.69 -11.38 -1.83
CA PRO A 115 -3.00 -12.39 -1.01
C PRO A 115 -2.63 -13.70 -1.69
N GLU A 116 -1.60 -14.36 -1.15
CA GLU A 116 -1.17 -15.71 -1.57
C GLU A 116 -2.32 -16.72 -1.39
N THR A 117 -2.28 -17.79 -2.19
CA THR A 117 -3.38 -18.75 -2.16
C THR A 117 -3.35 -19.57 -0.86
N GLU A 118 -4.45 -20.23 -0.54
CA GLU A 118 -4.50 -21.05 0.66
C GLU A 118 -4.32 -22.54 0.41
N LEU A 119 -4.71 -23.35 1.37
CA LEU A 119 -4.53 -24.78 1.30
C LEU A 119 -3.16 -25.16 1.80
N GLY A 120 -2.48 -24.20 2.39
CA GLY A 120 -1.17 -24.38 3.00
C GLY A 120 -1.31 -24.41 4.51
N SER A 121 -2.52 -24.67 4.98
CA SER A 121 -2.78 -24.66 6.41
C SER A 121 -1.90 -25.66 7.08
N SER A 122 -1.84 -26.86 6.49
CA SER A 122 -0.96 -27.93 6.91
C SER A 122 -0.45 -28.47 5.60
N GLU A 123 0.38 -27.69 4.96
CA GLU A 123 0.91 -28.05 3.67
C GLU A 123 2.40 -28.14 3.82
N HIS A 124 2.96 -29.24 3.36
CA HIS A 124 4.40 -29.41 3.29
C HIS A 124 4.67 -29.15 1.83
N SER A 125 3.67 -28.56 1.19
CA SER A 125 3.76 -28.15 -0.19
C SER A 125 4.29 -26.76 0.02
N LYS A 126 3.83 -26.15 1.10
CA LYS A 126 4.32 -24.85 1.48
C LYS A 126 5.80 -25.06 1.73
N VAL A 127 6.09 -26.06 2.57
CA VAL A 127 7.45 -26.46 2.90
C VAL A 127 8.27 -27.06 1.75
N GLN A 128 7.63 -27.82 0.89
CA GLN A 128 8.30 -28.52 -0.19
C GLN A 128 8.88 -27.38 -1.01
N CYS A 129 8.11 -26.31 -1.15
CA CYS A 129 8.57 -25.10 -1.85
C CYS A 129 9.84 -24.54 -1.16
N GLU A 130 9.72 -24.30 0.15
CA GLU A 130 10.84 -23.89 0.99
C GLU A 130 12.12 -24.73 0.80
N GLU A 131 11.98 -26.05 0.99
CA GLU A 131 13.14 -26.93 1.16
C GLU A 131 13.80 -27.49 -0.10
N TYR A 132 13.00 -27.96 -1.06
CA TYR A 132 13.58 -28.58 -2.24
C TYR A 132 13.50 -27.72 -3.52
N CYS A 133 12.89 -26.53 -3.37
CA CYS A 133 12.75 -25.53 -4.45
C CYS A 133 12.14 -26.10 -5.73
N VAL A 134 11.10 -26.92 -5.56
CA VAL A 134 10.46 -27.56 -6.71
C VAL A 134 9.25 -26.77 -7.14
N GLN A 135 9.29 -26.37 -8.41
CA GLN A 135 8.24 -25.59 -9.04
C GLN A 135 7.06 -26.46 -9.38
N GLY A 136 5.92 -26.13 -8.83
CA GLY A 136 4.71 -26.86 -9.14
C GLY A 136 3.52 -26.11 -8.61
N ASP A 137 2.39 -26.25 -9.28
CA ASP A 137 1.17 -25.73 -8.71
C ASP A 137 1.43 -24.26 -8.44
N GLU A 138 1.03 -23.86 -7.24
CA GLU A 138 1.03 -22.48 -6.78
C GLU A 138 2.39 -22.10 -6.24
N CYS A 139 3.26 -23.10 -6.08
CA CYS A 139 4.63 -22.86 -5.65
C CYS A 139 5.41 -22.46 -6.89
N PHE A 140 5.73 -21.18 -6.95
CA PHE A 140 6.47 -20.58 -8.13
C PHE A 140 7.74 -19.95 -7.51
N PRO A 141 8.73 -20.83 -7.24
CA PRO A 141 9.99 -20.36 -6.61
C PRO A 141 10.87 -19.48 -7.43
N ILE A 142 11.54 -18.50 -6.82
CA ILE A 142 12.46 -17.61 -7.55
C ILE A 142 13.85 -18.21 -7.48
N MET A 143 14.40 -18.58 -8.63
CA MET A 143 15.70 -19.26 -8.65
C MET A 143 16.82 -18.25 -8.76
N PHE A 144 17.89 -18.46 -7.99
CA PHE A 144 19.02 -17.59 -8.10
C PHE A 144 19.82 -17.86 -9.37
N PRO A 145 20.33 -16.78 -9.96
CA PRO A 145 21.16 -16.89 -11.17
C PRO A 145 22.55 -17.34 -10.61
N LYS A 146 23.28 -18.10 -11.44
CA LYS A 146 24.66 -18.44 -11.15
C LYS A 146 25.42 -17.10 -11.02
N ASN A 147 26.29 -17.01 -10.00
CA ASN A 147 27.03 -15.79 -9.60
C ASN A 147 26.28 -14.95 -8.53
N ASP A 148 25.30 -15.58 -7.87
CA ASP A 148 24.53 -14.92 -6.85
C ASP A 148 24.89 -15.39 -5.44
N PRO A 149 25.46 -14.47 -4.65
CA PRO A 149 25.88 -14.65 -3.25
C PRO A 149 24.87 -15.41 -2.36
N LYS A 150 23.62 -15.54 -2.84
CA LYS A 150 22.63 -16.32 -2.09
C LYS A 150 22.76 -17.83 -2.36
N LEU A 151 23.20 -18.20 -3.55
CA LEU A 151 23.59 -19.59 -3.81
C LEU A 151 24.45 -20.11 -2.66
N LYS A 152 25.50 -19.35 -2.33
CA LYS A 152 26.47 -19.71 -1.32
C LYS A 152 25.93 -19.79 0.10
N THR A 153 24.90 -19.01 0.40
CA THR A 153 24.49 -18.83 1.79
C THR A 153 23.07 -19.23 2.17
N GLN A 154 22.21 -19.36 1.16
CA GLN A 154 20.78 -19.48 1.40
C GLN A 154 20.10 -20.65 0.75
N GLY A 155 20.73 -21.20 -0.30
CA GLY A 155 20.16 -22.34 -1.01
C GLY A 155 19.99 -22.03 -2.48
N LYS A 156 19.12 -22.80 -3.16
CA LYS A 156 18.91 -22.60 -4.58
C LYS A 156 17.87 -21.55 -5.03
N CYS A 157 16.96 -21.18 -4.13
CA CYS A 157 15.85 -20.27 -4.46
C CYS A 157 15.28 -19.46 -3.31
N MET A 158 14.38 -18.55 -3.65
CA MET A 158 13.58 -17.87 -2.64
C MET A 158 12.14 -18.35 -2.89
N PRO A 159 11.49 -18.89 -1.84
CA PRO A 159 10.11 -19.35 -2.05
C PRO A 159 9.20 -18.20 -2.51
N PHE A 160 8.06 -18.56 -3.09
CA PHE A 160 7.12 -17.60 -3.69
C PHE A 160 5.90 -18.41 -4.07
N PHE A 161 4.75 -17.88 -3.70
CA PHE A 161 3.53 -18.61 -3.90
C PHE A 161 2.61 -17.78 -4.69
N ARG A 162 2.10 -18.35 -5.78
CA ARG A 162 1.19 -17.63 -6.67
C ARG A 162 0.00 -17.07 -5.90
N ALA A 163 -0.46 -15.91 -6.38
CA ALA A 163 -1.52 -15.16 -5.73
C ALA A 163 -2.86 -15.84 -5.88
N GLY A 164 -3.83 -15.42 -5.05
CA GLY A 164 -5.20 -15.93 -5.11
C GLY A 164 -5.94 -15.46 -6.36
N PHE A 165 -6.91 -16.25 -6.79
CA PHE A 165 -7.69 -15.96 -7.98
C PHE A 165 -9.15 -16.34 -7.78
N VAL A 166 -10.01 -15.74 -8.59
CA VAL A 166 -11.45 -15.90 -8.45
C VAL A 166 -12.03 -17.26 -8.82
N CYS A 167 -13.20 -17.55 -8.28
CA CYS A 167 -13.85 -18.83 -8.52
C CYS A 167 -13.03 -19.97 -7.97
N PRO A 168 -12.69 -20.93 -8.80
CA PRO A 168 -11.95 -22.09 -8.31
C PRO A 168 -10.69 -21.59 -7.66
N THR A 169 -10.37 -22.12 -6.49
CA THR A 169 -9.20 -21.66 -5.76
C THR A 169 -7.96 -22.53 -5.97
N PRO A 170 -8.12 -23.85 -5.95
CA PRO A 170 -6.99 -24.72 -6.28
C PRO A 170 -7.36 -25.98 -7.07
N PRO A 171 -6.99 -26.04 -8.34
CA PRO A 171 -6.57 -24.87 -9.12
C PRO A 171 -7.34 -24.94 -10.43
N TYR A 172 -7.93 -23.85 -10.90
CA TYR A 172 -8.70 -23.95 -12.14
C TYR A 172 -8.78 -22.69 -13.03
N GLN A 173 -8.97 -22.92 -14.33
CA GLN A 173 -9.17 -21.88 -15.35
C GLN A 173 -9.90 -22.58 -16.50
N SER A 174 -10.53 -21.85 -17.42
CA SER A 174 -10.62 -20.39 -17.48
C SER A 174 -11.83 -19.91 -16.67
N LEU A 175 -12.20 -18.63 -16.79
CA LEU A 175 -11.63 -17.68 -17.74
C LEU A 175 -10.22 -17.27 -17.35
N ALA A 176 -9.44 -16.69 -18.27
CA ALA A 176 -8.02 -16.54 -17.99
C ALA A 176 -7.79 -15.97 -16.59
N ARG A 177 -6.89 -16.62 -15.86
CA ARG A 177 -6.74 -16.44 -14.41
C ARG A 177 -6.87 -14.99 -13.98
N ASP A 178 -7.82 -14.73 -13.10
CA ASP A 178 -7.97 -13.38 -12.65
C ASP A 178 -7.85 -13.32 -11.12
N GLN A 179 -6.92 -12.47 -10.65
CA GLN A 179 -6.54 -12.39 -9.22
C GLN A 179 -7.51 -11.61 -8.37
N ILE A 180 -7.53 -11.90 -7.07
CA ILE A 180 -8.48 -11.29 -6.13
C ILE A 180 -8.00 -9.98 -5.51
N ASN A 181 -8.94 -9.08 -5.25
CA ASN A 181 -8.66 -7.87 -4.46
C ASN A 181 -9.44 -7.93 -3.11
N ALA A 182 -8.73 -8.38 -2.06
CA ALA A 182 -9.29 -8.64 -0.73
C ALA A 182 -9.75 -7.41 0.07
N VAL A 183 -9.61 -6.22 -0.52
CA VAL A 183 -10.03 -5.00 0.16
C VAL A 183 -10.81 -4.17 -0.81
N THR A 184 -11.60 -3.23 -0.28
CA THR A 184 -12.48 -2.42 -1.07
C THR A 184 -11.64 -1.50 -1.91
N SER A 185 -12.03 -1.34 -3.18
CA SER A 185 -11.34 -0.44 -4.06
C SER A 185 -11.53 1.02 -3.70
N PHE A 186 -12.57 1.37 -2.93
CA PHE A 186 -12.77 2.78 -2.62
C PHE A 186 -11.82 3.20 -1.52
N LEU A 187 -11.41 4.47 -1.59
CA LEU A 187 -10.56 5.10 -0.56
C LEU A 187 -11.49 5.44 0.64
N ASP A 188 -11.55 4.47 1.54
CA ASP A 188 -12.60 4.42 2.54
C ASP A 188 -12.18 3.91 3.91
N ALA A 189 -10.92 4.16 4.31
CA ALA A 189 -10.35 3.66 5.58
C ALA A 189 -10.45 2.12 5.87
N SER A 190 -10.63 1.32 4.81
CA SER A 190 -10.71 -0.10 5.03
C SER A 190 -9.53 -0.61 5.86
N LEU A 191 -8.44 0.14 5.93
CA LEU A 191 -7.28 -0.43 6.61
C LEU A 191 -7.35 -0.25 8.12
N VAL A 192 -8.24 0.64 8.56
CA VAL A 192 -8.52 0.79 9.97
C VAL A 192 -9.64 -0.17 10.40
N TYR A 193 -10.65 -0.31 9.54
CA TYR A 193 -11.90 -0.97 9.92
C TYR A 193 -12.14 -2.36 9.42
N GLY A 194 -11.30 -2.81 8.49
CA GLY A 194 -11.53 -4.12 7.91
C GLY A 194 -12.43 -4.00 6.69
N SER A 195 -12.46 -5.07 5.89
CA SER A 195 -13.25 -5.20 4.66
C SER A 195 -14.18 -6.43 4.74
N GLU A 196 -14.25 -7.02 5.92
CA GLU A 196 -15.15 -8.09 6.21
C GLU A 196 -15.86 -7.75 7.50
N PRO A 197 -17.10 -8.17 7.61
CA PRO A 197 -17.91 -7.92 8.80
C PRO A 197 -17.34 -8.59 10.02
N LEU A 199 -14.15 -9.33 10.65
CA LEU A 199 -13.09 -8.49 11.18
C LEU A 199 -13.52 -7.16 11.78
N ALA A 200 -14.50 -6.53 11.16
CA ALA A 200 -14.84 -5.17 11.53
C ALA A 200 -15.33 -4.98 12.93
N SER A 201 -16.26 -5.82 13.36
CA SER A 201 -16.70 -5.88 14.74
C SER A 201 -15.71 -6.52 15.68
N ARG A 202 -14.95 -7.45 15.17
CA ARG A 202 -13.96 -8.12 16.00
C ARG A 202 -13.06 -7.05 16.62
N LEU A 203 -13.25 -5.84 16.12
CA LEU A 203 -12.26 -4.77 16.23
C LEU A 203 -12.88 -3.60 16.84
N ARG A 204 -14.20 -3.61 16.85
CA ARG A 204 -14.89 -2.57 17.56
C ARG A 204 -14.89 -2.90 19.07
N ASN A 205 -15.09 -1.85 19.88
CA ASN A 205 -15.34 -2.03 21.30
C ASN A 205 -16.86 -1.99 21.55
N LEU A 206 -17.44 -3.18 21.62
CA LEU A 206 -18.88 -3.35 21.81
C LEU A 206 -19.24 -3.69 23.25
N SER A 207 -18.31 -3.41 24.15
CA SER A 207 -18.49 -3.69 25.56
C SER A 207 -19.06 -2.42 26.18
N SER A 208 -19.43 -1.47 25.31
CA SER A 208 -19.89 -0.13 25.74
C SER A 208 -20.46 0.68 24.54
N PRO A 209 -21.44 1.58 24.81
CA PRO A 209 -22.10 2.40 23.78
C PRO A 209 -21.36 3.56 23.13
N LEU A 210 -20.05 3.66 23.32
CA LEU A 210 -19.37 4.88 22.89
C LEU A 210 -18.85 4.91 21.46
N GLY A 211 -18.89 3.75 20.79
CA GLY A 211 -18.49 3.66 19.39
C GLY A 211 -17.00 3.69 19.17
N LEU A 212 -16.26 3.51 20.25
CA LEU A 212 -14.82 3.51 20.17
C LEU A 212 -14.34 2.21 19.52
N MET A 213 -13.08 2.24 19.07
CA MET A 213 -12.43 1.07 18.49
C MET A 213 -11.75 0.34 19.62
N ALA A 214 -11.64 -0.98 19.51
CA ALA A 214 -11.05 -1.78 20.58
C ALA A 214 -9.55 -1.53 20.70
N VAL A 215 -9.11 -1.13 21.89
CA VAL A 215 -7.69 -0.84 22.09
C VAL A 215 -6.98 -1.90 22.93
N ASN A 216 -5.67 -1.71 23.09
CA ASN A 216 -4.81 -2.64 23.81
C ASN A 216 -5.07 -2.46 25.28
N GLN A 217 -4.93 -3.55 26.04
CA GLN A 217 -5.19 -3.48 27.46
C GLN A 217 -3.91 -3.85 28.17
N GLU A 218 -3.09 -4.63 27.46
CA GLU A 218 -1.81 -5.09 27.99
C GLU A 218 -0.64 -4.09 27.83
N ALA A 219 -0.90 -2.87 27.32
CA ALA A 219 0.14 -1.80 27.15
C ALA A 219 -0.38 -0.40 26.78
N TRP A 220 0.32 0.65 27.23
CA TRP A 220 -0.09 2.04 26.94
C TRP A 220 1.03 3.00 26.52
N ASP A 221 0.66 4.16 25.97
CA ASP A 221 1.64 5.15 25.46
C ASP A 221 1.32 6.51 26.09
N HIS A 222 1.94 6.75 27.26
CA HIS A 222 1.61 7.88 28.16
C HIS A 222 0.08 7.99 28.30
N GLY A 223 -0.60 6.86 28.47
CA GLY A 223 -2.05 6.86 28.53
C GLY A 223 -2.74 6.94 27.17
N LEU A 224 -1.97 6.80 26.09
CA LEU A 224 -2.55 6.80 24.75
C LEU A 224 -2.76 5.37 24.21
N ALA A 225 -3.69 5.25 23.26
CA ALA A 225 -4.10 3.97 22.75
C ALA A 225 -3.04 3.30 21.88
N TYR A 226 -3.00 1.97 21.94
CA TYR A 226 -2.22 1.20 21.01
C TYR A 226 -3.15 0.17 20.33
N PRO A 227 -2.86 -0.19 19.06
CA PRO A 227 -3.73 -1.19 18.43
C PRO A 227 -3.62 -2.53 19.20
N PRO A 228 -4.76 -3.24 19.32
CA PRO A 228 -4.81 -4.54 20.00
C PRO A 228 -3.80 -5.53 19.38
N PHE A 229 -3.41 -6.50 20.18
CA PHE A 229 -2.51 -7.50 19.69
C PHE A 229 -3.31 -8.53 18.93
N ASN A 230 -2.77 -9.04 17.84
CA ASN A 230 -3.41 -10.18 17.19
C ASN A 230 -2.91 -11.45 17.89
N ASN A 231 -3.86 -12.24 18.39
CA ASN A 231 -3.48 -13.41 19.17
C ASN A 231 -3.31 -14.67 18.33
N VAL A 232 -2.93 -14.51 17.06
CA VAL A 232 -2.75 -15.67 16.19
C VAL A 232 -1.30 -16.14 16.13
N LYS A 233 -0.99 -17.09 16.98
CA LYS A 233 0.33 -17.65 17.03
C LYS A 233 0.21 -18.93 16.22
N PRO A 234 1.10 -19.19 15.27
CA PRO A 234 2.34 -18.45 14.94
C PRO A 234 2.30 -17.04 14.50
N SER A 235 2.92 -16.14 15.27
CA SER A 235 2.98 -14.68 14.98
C SER A 235 4.43 -14.31 14.69
N PRO A 236 4.66 -13.55 13.62
CA PRO A 236 6.04 -13.17 13.27
C PRO A 236 6.66 -12.11 14.10
N CYS A 237 5.84 -11.20 14.62
CA CYS A 237 6.37 -10.15 15.48
C CYS A 237 6.91 -10.73 16.78
N GLU A 238 6.38 -11.88 17.18
CA GLU A 238 6.97 -12.64 18.28
C GLU A 238 8.25 -13.30 17.77
N PHE A 239 8.19 -13.78 16.54
CA PHE A 239 9.30 -14.52 15.97
C PHE A 239 10.58 -13.69 15.80
N ILE A 240 10.46 -12.37 15.66
CA ILE A 240 11.69 -11.55 15.50
C ILE A 240 12.48 -11.36 16.79
N ASN A 241 11.79 -11.27 17.93
CA ASN A 241 12.48 -11.29 19.22
C ASN A 241 11.98 -12.29 20.29
N THR A 242 12.47 -13.51 20.21
CA THR A 242 11.92 -14.63 20.92
C THR A 242 11.77 -14.23 22.38
N THR A 243 12.73 -13.48 22.87
CA THR A 243 12.70 -12.94 24.21
C THR A 243 11.54 -11.97 24.43
N ALA A 244 11.54 -10.84 23.70
CA ALA A 244 10.58 -9.74 23.95
C ALA A 244 9.14 -10.16 24.03
N HIS A 245 8.79 -11.20 23.27
CA HIS A 245 7.45 -11.78 23.28
C HIS A 245 6.40 -10.75 22.92
N VAL A 246 6.61 -9.98 21.85
CA VAL A 246 5.58 -8.99 21.49
C VAL A 246 4.96 -9.29 20.12
N PRO A 247 3.65 -9.63 20.10
CA PRO A 247 2.96 -9.94 18.84
C PRO A 247 2.63 -8.72 18.04
N CYS A 248 2.23 -8.96 16.79
CA CYS A 248 1.75 -7.93 15.90
C CYS A 248 0.40 -7.41 16.35
N PHE A 249 -0.03 -6.35 15.67
CA PHE A 249 -1.27 -5.68 15.97
C PHE A 249 -2.45 -6.17 15.18
N GLN A 250 -3.65 -5.80 15.62
CA GLN A 250 -4.86 -6.08 14.88
C GLN A 250 -5.34 -4.74 14.34
N ALA A 251 -5.45 -4.68 13.02
CA ALA A 251 -6.00 -3.52 12.34
C ALA A 251 -6.94 -3.98 11.23
N GLY A 252 -7.68 -3.03 10.66
CA GLY A 252 -8.57 -3.34 9.57
C GLY A 252 -7.83 -4.01 8.43
N ASP A 253 -6.52 -3.81 8.39
CA ASP A 253 -5.72 -4.39 7.32
C ASP A 253 -4.68 -5.32 7.90
N SER A 254 -4.45 -6.44 7.23
CA SER A 254 -3.54 -7.45 7.75
C SER A 254 -2.02 -7.13 7.81
N ARG A 255 -1.57 -6.05 7.14
CA ARG A 255 -0.12 -5.82 6.99
C ARG A 255 0.39 -4.75 7.92
N ALA A 256 -0.49 -4.39 8.85
CA ALA A 256 -0.25 -3.27 9.76
C ALA A 256 1.15 -3.25 10.27
N SER A 257 1.59 -4.40 10.76
CA SER A 257 2.89 -4.38 11.39
C SER A 257 4.04 -4.91 10.53
N GLU A 258 3.95 -4.77 9.22
CA GLU A 258 5.05 -5.21 8.37
C GLU A 258 6.32 -4.45 8.61
N GLN A 259 6.19 -3.19 8.97
CA GLN A 259 7.34 -2.49 9.56
C GLN A 259 6.85 -1.46 10.57
N ILE A 260 7.72 -1.19 11.53
CA ILE A 260 7.40 -0.29 12.61
C ILE A 260 6.74 1.02 12.20
N LEU A 261 7.12 1.57 11.05
CA LEU A 261 6.63 2.88 10.65
C LEU A 261 5.28 2.80 9.99
N LEU A 262 4.89 1.61 9.53
CA LEU A 262 3.52 1.48 9.00
C LEU A 262 2.59 1.28 10.21
N ALA A 263 3.04 0.45 11.15
CA ALA A 263 2.34 0.15 12.39
C ALA A 263 2.06 1.46 13.12
N THR A 264 3.04 2.35 13.03
CA THR A 264 2.96 3.65 13.66
C THR A 264 1.79 4.40 13.10
N VAL A 265 1.78 4.58 11.79
CA VAL A 265 0.68 5.32 11.18
C VAL A 265 -0.68 4.75 11.55
N HIS A 266 -0.81 3.42 11.48
CA HIS A 266 -2.04 2.77 11.88
C HIS A 266 -2.43 3.30 13.25
N THR A 267 -1.46 3.36 14.17
CA THR A 267 -1.72 3.86 15.53
C THR A 267 -2.36 5.24 15.55
N LEU A 268 -1.71 6.19 14.88
CA LEU A 268 -2.23 7.53 14.73
C LEU A 268 -3.68 7.45 14.23
N LEU A 269 -3.95 6.60 13.24
CA LEU A 269 -5.30 6.49 12.72
C LEU A 269 -6.35 5.95 13.69
N LEU A 270 -6.13 4.81 14.33
CA LEU A 270 -7.07 4.30 15.34
C LEU A 270 -7.36 5.40 16.39
N ARG A 271 -6.29 6.03 16.89
CA ARG A 271 -6.44 7.11 17.86
C ARG A 271 -7.40 8.18 17.34
N GLU A 272 -7.41 8.38 16.04
CA GLU A 272 -8.22 9.46 15.47
C GLU A 272 -9.71 9.13 15.53
N HIS A 273 -10.05 7.84 15.38
CA HIS A 273 -11.44 7.39 15.47
C HIS A 273 -12.14 7.44 16.84
N ASN A 274 -11.51 6.82 17.81
CA ASN A 274 -11.76 7.05 19.22
C ASN A 274 -11.74 8.55 19.57
N ARG A 275 -10.67 9.26 19.23
CA ARG A 275 -10.62 10.66 19.60
C ARG A 275 -11.87 11.40 19.16
N LEU A 276 -12.34 11.06 17.97
CA LEU A 276 -13.47 11.74 17.34
C LEU A 276 -14.79 11.33 17.91
N ALA A 277 -14.87 10.09 18.35
CA ALA A 277 -16.12 9.55 18.83
C ALA A 277 -16.51 10.23 20.14
N ARG A 278 -15.53 10.40 21.01
CA ARG A 278 -15.73 11.09 22.28
C ARG A 278 -16.39 12.46 22.05
N GLU A 279 -15.94 13.16 21.01
CA GLU A 279 -16.47 14.47 20.64
C GLU A 279 -17.92 14.42 20.10
N LEU A 280 -18.17 13.55 19.10
CA LEU A 280 -19.52 13.36 18.58
C LEU A 280 -20.45 13.21 19.78
N LYS A 281 -20.11 12.31 20.71
CA LYS A 281 -20.90 12.12 21.90
C LYS A 281 -21.04 13.43 22.68
N ARG A 282 -19.94 14.08 23.02
CA ARG A 282 -20.02 15.33 23.81
C ARG A 282 -21.01 16.35 23.25
N LEU A 283 -20.98 16.53 21.93
CA LEU A 283 -21.93 17.40 21.25
C LEU A 283 -23.29 16.72 21.02
N ASN A 284 -23.29 15.41 20.86
CA ASN A 284 -24.49 14.63 20.62
C ASN A 284 -24.49 13.42 21.53
N PRO A 285 -24.95 13.63 22.75
CA PRO A 285 -24.92 12.61 23.81
C PRO A 285 -25.92 11.49 23.65
N HIS A 286 -26.96 11.79 22.92
CA HIS A 286 -28.08 10.87 22.64
C HIS A 286 -27.70 9.76 21.66
N TRP A 287 -26.91 10.13 20.66
CA TRP A 287 -26.37 9.23 19.64
C TRP A 287 -25.92 7.88 20.22
N ASP A 288 -26.38 6.79 19.60
CA ASP A 288 -25.99 5.44 20.06
C ASP A 288 -24.56 5.03 19.66
N GLY A 289 -24.22 3.78 19.97
CA GLY A 289 -22.92 3.20 19.64
C GLY A 289 -22.60 3.31 18.17
N GLU A 290 -23.41 2.64 17.36
CA GLU A 290 -23.30 2.65 15.90
C GLU A 290 -23.24 4.05 15.36
N MET A 291 -24.19 4.89 15.74
CA MET A 291 -24.19 6.26 15.26
C MET A 291 -22.82 6.89 15.46
N LEU A 292 -22.16 6.60 16.58
CA LEU A 292 -20.87 7.25 16.90
C LEU A 292 -19.77 6.67 16.00
N TYR A 293 -19.63 5.35 16.00
CA TYR A 293 -18.66 4.73 15.16
C TYR A 293 -18.85 4.94 13.67
N GLN A 294 -20.04 4.74 13.14
CA GLN A 294 -20.31 5.09 11.74
C GLN A 294 -19.88 6.50 11.36
N GLU A 295 -20.26 7.49 12.16
CA GLU A 295 -19.98 8.91 11.83
C GLU A 295 -18.51 9.28 11.98
N ALA A 296 -17.82 8.72 12.98
CA ALA A 296 -16.37 8.91 13.12
C ALA A 296 -15.67 8.27 11.89
N ARG A 297 -16.01 7.00 11.65
CA ARG A 297 -15.59 6.24 10.47
C ARG A 297 -15.77 7.00 9.16
N LYS A 298 -16.76 7.87 9.11
CA LYS A 298 -17.08 8.62 7.90
C LYS A 298 -16.20 9.86 7.87
N ILE A 299 -15.98 10.43 9.04
CA ILE A 299 -15.06 11.54 9.12
C ILE A 299 -13.65 11.06 8.67
N LEU A 300 -13.35 9.80 9.00
CA LEU A 300 -11.99 9.31 8.81
C LEU A 300 -11.63 9.02 7.37
N GLY A 301 -12.56 8.40 6.63
CA GLY A 301 -12.33 8.11 5.24
C GLY A 301 -12.18 9.39 4.44
N ALA A 302 -12.73 10.46 4.98
CA ALA A 302 -12.84 11.73 4.28
C ALA A 302 -11.55 12.45 4.47
N PHE A 303 -10.95 12.20 5.63
CA PHE A 303 -9.66 12.76 6.00
C PHE A 303 -8.57 12.14 5.10
N ILE A 304 -8.74 10.87 4.77
CA ILE A 304 -7.75 10.16 3.98
C ILE A 304 -7.88 10.53 2.52
N GLN A 305 -9.08 10.88 2.11
CA GLN A 305 -9.32 11.23 0.73
C GLN A 305 -8.74 12.61 0.45
N ILE A 306 -8.80 13.46 1.48
CA ILE A 306 -8.33 14.85 1.40
C ILE A 306 -6.83 14.88 1.44
N ILE A 307 -6.21 14.23 2.42
CA ILE A 307 -4.74 14.21 2.42
C ILE A 307 -4.23 13.58 1.10
N THR A 308 -4.87 12.49 0.69
CA THR A 308 -4.40 11.78 -0.49
C THR A 308 -4.51 12.65 -1.71
N PHE A 309 -5.70 13.23 -1.90
CA PHE A 309 -5.98 13.97 -3.12
C PHE A 309 -5.55 15.44 -3.13
N ARG A 310 -5.61 16.11 -1.98
CA ARG A 310 -5.16 17.50 -1.96
C ARG A 310 -3.67 17.65 -1.72
N ASP A 311 -3.11 16.85 -0.81
CA ASP A 311 -1.71 16.99 -0.50
C ASP A 311 -0.73 16.02 -1.18
N TYR A 312 -1.12 14.73 -1.30
CA TYR A 312 -0.18 13.69 -1.70
C TYR A 312 0.00 13.50 -3.19
N LEU A 313 -1.11 13.34 -3.92
CA LEU A 313 -1.00 13.08 -5.37
C LEU A 313 -0.44 14.21 -6.17
N PRO A 314 -0.80 15.46 -5.82
CA PRO A 314 -0.19 16.50 -6.65
C PRO A 314 1.33 16.37 -6.61
N ILE A 315 1.90 15.95 -5.48
CA ILE A 315 3.36 15.87 -5.40
C ILE A 315 3.94 14.55 -5.95
N VAL A 316 3.06 13.57 -6.16
CA VAL A 316 3.46 12.33 -6.81
C VAL A 316 3.31 12.54 -8.33
N LEU A 317 2.17 13.09 -8.75
CA LEU A 317 1.93 13.19 -10.19
C LEU A 317 2.59 14.36 -10.92
N GLY A 318 2.79 15.47 -10.21
CA GLY A 318 3.48 16.62 -10.78
C GLY A 318 2.70 17.30 -11.89
N SER A 319 3.41 17.76 -12.92
CA SER A 319 2.79 18.34 -14.08
C SER A 319 1.59 17.48 -14.55
N GLU A 320 1.70 16.18 -14.32
CA GLU A 320 0.77 15.25 -14.92
C GLU A 320 -0.51 15.15 -14.15
N MET A 321 -0.61 15.95 -13.10
CA MET A 321 -1.78 15.91 -12.27
C MET A 321 -3.08 16.29 -12.94
N GLN A 322 -3.16 17.43 -13.60
CA GLN A 322 -4.40 17.79 -14.30
C GLN A 322 -4.74 16.96 -15.51
N LYS A 323 -3.74 16.62 -16.34
CA LYS A 323 -3.95 15.77 -17.51
C LYS A 323 -4.74 14.50 -17.17
N TRP A 324 -4.62 14.02 -15.93
CA TRP A 324 -5.27 12.79 -15.47
C TRP A 324 -6.40 12.91 -14.47
N ILE A 325 -6.27 13.86 -13.56
CA ILE A 325 -7.23 14.02 -12.49
C ILE A 325 -7.64 15.46 -12.40
N PRO A 326 -8.55 15.89 -13.30
CA PRO A 326 -9.04 17.27 -13.31
C PRO A 326 -9.94 17.54 -12.06
N PRO A 327 -10.12 18.82 -11.67
CA PRO A 327 -10.97 19.13 -10.50
C PRO A 327 -12.30 18.36 -10.48
N TYR A 328 -12.67 17.87 -9.29
CA TYR A 328 -13.85 17.01 -9.12
C TYR A 328 -15.07 17.66 -9.73
N GLN A 329 -15.81 16.85 -10.51
CA GLN A 329 -17.06 17.26 -11.20
C GLN A 329 -18.31 16.49 -10.75
N GLY A 330 -18.28 15.96 -9.52
CA GLY A 330 -19.38 15.18 -8.98
C GLY A 330 -19.36 13.69 -9.30
N TYR A 331 -20.21 12.93 -8.60
CA TYR A 331 -20.34 11.50 -8.76
C TYR A 331 -20.85 11.13 -10.13
N ASN A 332 -20.10 10.23 -10.76
CA ASN A 332 -20.43 9.66 -12.06
C ASN A 332 -20.72 8.16 -11.90
N ASN A 333 -21.92 7.74 -12.29
CA ASN A 333 -22.33 6.35 -12.16
C ASN A 333 -21.67 5.37 -13.14
N SER A 334 -21.14 5.90 -14.24
CA SER A 334 -20.58 5.10 -15.33
C SER A 334 -19.16 4.68 -15.07
N VAL A 335 -18.49 5.48 -14.24
CA VAL A 335 -17.12 5.23 -13.80
C VAL A 335 -16.98 3.89 -13.07
N ASP A 336 -16.03 3.09 -13.55
CA ASP A 336 -15.65 1.78 -12.96
C ASP A 336 -14.70 1.99 -11.77
N PRO A 337 -15.24 1.98 -10.55
CA PRO A 337 -14.38 2.19 -9.37
C PRO A 337 -13.30 1.18 -9.08
N ARG A 338 -13.43 -0.07 -9.57
CA ARG A 338 -12.42 -1.14 -9.27
C ARG A 338 -10.93 -0.82 -9.49
N ILE A 339 -10.08 -1.23 -8.55
CA ILE A 339 -8.63 -1.17 -8.74
C ILE A 339 -8.26 -2.21 -9.85
N SER A 340 -7.44 -1.80 -10.82
CA SER A 340 -6.99 -2.73 -11.86
C SER A 340 -5.82 -3.58 -11.42
N ASN A 341 -5.66 -4.72 -12.06
CA ASN A 341 -4.58 -5.58 -11.73
C ASN A 341 -3.26 -4.81 -11.89
N VAL A 342 -3.15 -3.86 -12.83
CA VAL A 342 -1.85 -3.16 -13.05
C VAL A 342 -1.47 -2.02 -12.07
N PHE A 343 -2.46 -1.25 -11.62
CA PHE A 343 -2.25 -0.31 -10.52
C PHE A 343 -1.52 -0.92 -9.30
N THR A 344 -1.87 -2.13 -8.91
CA THR A 344 -1.22 -2.73 -7.75
C THR A 344 0.30 -2.87 -8.01
N PHE A 345 0.71 -2.93 -9.28
CA PHE A 345 2.14 -2.93 -9.59
C PHE A 345 2.64 -1.50 -9.81
N ALA A 346 1.79 -0.61 -10.31
CA ALA A 346 2.22 0.75 -10.55
C ALA A 346 2.50 1.38 -9.22
N PHE A 347 1.60 1.22 -8.27
CA PHE A 347 1.78 1.83 -6.96
C PHE A 347 3.02 1.33 -6.26
N ARG A 348 3.61 0.28 -6.77
CA ARG A 348 4.82 -0.21 -6.14
C ARG A 348 6.05 0.67 -6.44
N PHE A 349 5.84 1.86 -6.99
CA PHE A 349 6.99 2.74 -7.21
C PHE A 349 7.50 3.14 -5.83
N GLY A 350 6.62 3.01 -4.85
CA GLY A 350 7.00 3.42 -3.50
C GLY A 350 8.19 2.66 -3.01
N HIS A 351 8.32 1.40 -3.46
CA HIS A 351 9.48 0.60 -3.07
C HIS A 351 10.87 1.29 -3.23
N MET A 352 10.99 2.20 -4.18
CA MET A 352 12.27 2.84 -4.42
C MET A 352 12.39 4.13 -3.66
N GLU A 353 11.38 4.40 -2.82
CA GLU A 353 11.33 5.57 -1.93
C GLU A 353 11.58 5.19 -0.47
N VAL A 354 11.94 3.94 -0.22
CA VAL A 354 12.15 3.45 1.14
C VAL A 354 13.63 3.53 1.43
N PRO A 355 14.00 4.17 2.56
CA PRO A 355 15.40 4.31 2.95
C PRO A 355 15.90 3.15 3.76
N SER A 356 17.21 3.08 3.99
CA SER A 356 17.84 1.98 4.71
C SER A 356 17.81 2.08 6.23
N THR A 357 17.38 3.22 6.76
CA THR A 357 17.35 3.35 8.19
C THR A 357 16.13 4.09 8.70
N VAL A 358 15.70 3.71 9.90
CA VAL A 358 14.66 4.43 10.59
C VAL A 358 15.29 5.13 11.82
N SER A 359 14.78 6.33 12.12
CA SER A 359 15.28 7.09 13.27
C SER A 359 14.24 7.34 14.38
N ARG A 360 14.74 7.50 15.61
CA ARG A 360 13.90 7.99 16.72
C ARG A 360 14.43 9.38 17.12
N LEU A 361 13.54 10.36 17.24
CA LEU A 361 13.94 11.72 17.59
C LEU A 361 13.36 12.18 18.92
N ASP A 362 14.17 12.83 19.74
CA ASP A 362 13.66 13.31 21.01
C ASP A 362 12.92 14.60 20.86
N GLU A 363 12.59 15.19 21.99
CA GLU A 363 11.76 16.37 22.02
C GLU A 363 12.41 17.51 21.25
N ASN A 364 13.71 17.51 21.26
CA ASN A 364 14.47 18.48 20.50
C ASN A 364 14.80 17.90 19.11
N TYR A 365 14.03 16.90 18.68
CA TYR A 365 14.24 16.24 17.40
C TYR A 365 15.71 15.87 17.18
N GLN A 366 16.35 15.32 18.23
CA GLN A 366 17.76 14.86 18.20
C GLN A 366 17.84 13.35 18.52
N PRO A 367 18.92 12.69 18.13
CA PRO A 367 18.87 11.26 18.28
C PRO A 367 18.55 10.95 19.70
N TRP A 368 17.43 10.31 19.86
CA TRP A 368 16.86 9.94 21.11
C TRP A 368 17.45 8.61 21.50
N GLY A 369 18.34 8.64 22.47
CA GLY A 369 19.03 7.45 22.90
C GLY A 369 20.27 7.15 22.11
N PRO A 370 20.98 6.12 22.55
CA PRO A 370 22.21 5.61 21.94
C PRO A 370 22.07 4.97 20.57
N GLU A 371 20.90 4.39 20.32
CA GLU A 371 20.68 3.61 19.11
C GLU A 371 19.53 4.12 18.28
N ALA A 372 19.37 5.43 18.17
CA ALA A 372 18.22 6.00 17.50
C ALA A 372 18.10 5.60 16.03
N GLU A 373 19.19 5.65 15.30
CA GLU A 373 19.14 5.18 13.94
C GLU A 373 19.35 3.67 13.86
N LEU A 374 18.42 2.98 13.19
CA LEU A 374 18.41 1.52 13.06
C LEU A 374 18.23 1.07 11.63
N PRO A 375 18.83 -0.07 11.23
CA PRO A 375 18.66 -0.52 9.83
C PRO A 375 17.19 -0.89 9.60
N LEU A 376 16.71 -0.73 8.36
CA LEU A 376 15.29 -0.97 8.11
C LEU A 376 14.96 -2.40 8.39
N HIS A 377 15.88 -3.30 8.03
CA HIS A 377 15.60 -4.74 8.11
C HIS A 377 15.37 -5.31 9.51
N THR A 378 15.82 -4.62 10.55
CA THR A 378 15.49 -5.05 11.91
C THR A 378 14.15 -4.42 12.32
N LEU A 379 13.34 -3.97 11.36
CA LEU A 379 12.06 -3.36 11.71
C LEU A 379 10.87 -4.02 11.00
N PHE A 380 11.17 -5.04 10.19
CA PHE A 380 10.09 -5.81 9.63
C PHE A 380 9.45 -6.54 10.80
N PHE A 381 8.13 -6.48 10.86
CA PHE A 381 7.33 -7.13 11.88
C PHE A 381 7.83 -6.93 13.31
N ASN A 382 8.31 -5.71 13.54
CA ASN A 382 8.86 -5.29 14.81
C ASN A 382 7.84 -4.39 15.47
N THR A 383 7.24 -4.87 16.56
CA THR A 383 6.30 -4.08 17.36
C THR A 383 6.96 -3.78 18.71
N TRP A 384 7.82 -4.69 19.14
CA TRP A 384 8.45 -4.54 20.44
C TRP A 384 9.19 -3.22 20.66
N ARG A 385 9.72 -2.63 19.58
CA ARG A 385 10.42 -1.34 19.65
C ARG A 385 9.47 -0.17 19.76
N ILE A 386 8.18 -0.41 19.71
CA ILE A 386 7.30 0.70 19.91
C ILE A 386 6.89 0.71 21.37
N ILE A 387 6.36 -0.42 21.80
CA ILE A 387 5.88 -0.59 23.15
C ILE A 387 6.95 -0.57 24.19
N LYS A 388 8.07 -1.19 23.88
CA LYS A 388 9.18 -1.29 24.82
C LYS A 388 10.40 -0.41 24.58
N ASP A 389 10.33 0.53 23.67
CA ASP A 389 11.44 1.40 23.44
C ASP A 389 10.98 2.82 23.54
N GLY A 390 10.10 3.08 24.50
CA GLY A 390 9.66 4.43 24.83
C GLY A 390 8.53 5.13 24.07
N GLY A 391 7.81 4.42 23.20
CA GLY A 391 6.66 5.02 22.52
C GLY A 391 6.79 5.57 21.11
N ILE A 392 5.65 5.80 20.46
CA ILE A 392 5.56 6.26 19.08
C ILE A 392 5.97 7.70 18.75
N ASP A 393 5.78 8.62 19.68
CA ASP A 393 5.95 10.03 19.35
C ASP A 393 7.32 10.22 18.70
N PRO A 394 8.33 9.46 19.12
CA PRO A 394 9.65 9.62 18.49
C PRO A 394 9.82 9.07 17.12
N LEU A 395 8.97 8.09 16.77
CA LEU A 395 8.98 7.54 15.42
C LEU A 395 8.25 8.54 14.52
N VAL A 396 7.16 9.10 15.03
CA VAL A 396 6.45 10.15 14.32
C VAL A 396 7.37 11.33 14.02
N ARG A 397 8.24 11.68 14.95
CA ARG A 397 9.16 12.78 14.72
C ARG A 397 10.15 12.42 13.60
N GLY A 398 10.64 11.18 13.64
CA GLY A 398 11.50 10.69 12.57
C GLY A 398 10.85 10.94 11.21
N LEU A 399 9.54 10.69 11.15
CA LEU A 399 8.77 10.81 9.92
C LEU A 399 8.72 12.22 9.35
N LEU A 400 8.76 13.20 10.24
CA LEU A 400 8.67 14.58 9.81
C LEU A 400 10.04 15.12 9.42
N ALA A 401 11.06 14.67 10.15
CA ALA A 401 12.36 15.31 10.07
C ALA A 401 13.36 14.55 9.26
N LYS A 402 13.01 13.34 8.83
CA LYS A 402 13.93 12.58 7.98
C LYS A 402 13.42 12.68 6.58
N ASN A 403 14.22 12.24 5.61
CA ASN A 403 13.89 12.36 4.19
C ASN A 403 13.56 11.02 3.54
N SER A 404 12.57 11.01 2.64
CA SER A 404 12.36 9.84 1.80
C SER A 404 13.60 9.58 0.91
N LYS A 405 13.72 8.34 0.43
CA LYS A 405 14.70 8.08 -0.59
C LYS A 405 14.14 8.57 -1.97
N LEU A 406 15.02 9.19 -2.74
CA LEU A 406 14.75 9.50 -4.12
C LEU A 406 15.00 8.20 -4.96
N MET A 407 14.06 7.93 -5.85
CA MET A 407 14.25 6.92 -6.87
C MET A 407 15.48 7.41 -7.65
N ASN A 408 16.22 6.45 -8.20
CA ASN A 408 17.51 6.72 -8.83
C ASN A 408 17.77 5.55 -9.76
N GLN A 409 18.07 5.86 -11.02
CA GLN A 409 18.23 4.79 -12.03
C GLN A 409 19.41 3.87 -11.79
N ASN A 410 20.41 4.42 -11.14
CA ASN A 410 21.55 3.65 -10.79
C ASN A 410 21.45 3.20 -9.36
N LYS A 411 20.44 3.66 -8.65
CA LYS A 411 20.21 3.22 -7.26
C LYS A 411 18.76 2.94 -6.94
N MET A 412 18.15 1.92 -7.51
CA MET A 412 16.72 1.73 -7.32
C MET A 412 16.06 1.29 -6.01
N VAL A 413 16.50 0.18 -5.45
CA VAL A 413 15.93 -0.31 -4.21
C VAL A 413 17.02 -0.77 -3.24
N THR A 414 16.90 -0.30 -2.01
CA THR A 414 17.85 -0.58 -0.96
C THR A 414 17.99 -2.04 -0.63
N SER A 415 19.21 -2.45 -0.29
CA SER A 415 19.47 -3.83 0.06
C SER A 415 18.63 -4.31 1.25
N GLU A 416 18.13 -3.37 2.06
CA GLU A 416 17.32 -3.75 3.24
C GLU A 416 16.11 -4.52 2.75
N LEU A 417 15.59 -4.09 1.61
CA LEU A 417 14.46 -4.76 0.99
C LEU A 417 14.97 -5.69 -0.07
N ARG A 418 16.15 -5.37 -0.61
CA ARG A 418 16.67 -6.15 -1.74
C ARG A 418 17.33 -7.45 -1.40
N ASN A 419 18.00 -7.50 -0.26
CA ASN A 419 18.59 -8.76 0.19
C ASN A 419 18.09 -9.20 1.57
N LYS A 420 17.46 -8.30 2.32
CA LYS A 420 17.16 -8.65 3.71
C LYS A 420 15.71 -8.79 4.17
N LEU A 421 14.77 -8.72 3.22
CA LEU A 421 13.37 -8.83 3.55
C LEU A 421 13.01 -10.01 4.46
N PHE A 422 12.30 -9.72 5.55
CA PHE A 422 11.70 -10.81 6.30
C PHE A 422 10.28 -11.02 5.75
N GLN A 423 9.98 -12.28 5.44
CA GLN A 423 8.64 -12.68 5.13
C GLN A 423 8.13 -13.73 6.13
N PRO A 424 6.95 -13.48 6.71
CA PRO A 424 6.33 -14.41 7.67
C PRO A 424 6.43 -15.91 7.20
N THR A 425 6.88 -16.75 8.10
CA THR A 425 6.93 -18.19 7.90
C THR A 425 8.19 -18.64 7.24
N HIS A 426 8.91 -17.70 6.71
CA HIS A 426 10.17 -17.99 6.09
C HIS A 426 11.05 -17.33 7.08
N LYS A 427 12.23 -17.87 7.30
CA LYS A 427 12.86 -17.57 8.58
C LYS A 427 13.87 -16.47 8.68
N VAL A 428 14.46 -16.17 7.54
CA VAL A 428 15.62 -15.33 7.60
C VAL A 428 15.34 -13.91 7.22
N HIS A 429 16.30 -13.02 7.51
CA HIS A 429 16.23 -11.67 6.93
C HIS A 429 17.07 -11.83 5.63
N GLY A 430 16.42 -12.44 4.63
CA GLY A 430 17.13 -12.83 3.43
C GLY A 430 16.42 -12.81 2.08
N PHE A 431 15.24 -12.20 2.05
CA PHE A 431 14.39 -12.16 0.86
C PHE A 431 14.60 -10.87 0.08
N ASP A 432 14.01 -10.81 -1.12
CA ASP A 432 14.22 -9.74 -2.09
C ASP A 432 12.95 -9.10 -2.62
N LEU A 433 12.57 -7.95 -2.07
CA LEU A 433 11.36 -7.29 -2.56
C LEU A 433 11.33 -7.00 -4.10
N ALA A 434 12.46 -6.65 -4.72
CA ALA A 434 12.48 -6.46 -6.17
C ALA A 434 12.13 -7.73 -6.95
N ALA A 435 12.81 -8.84 -6.66
CA ALA A 435 12.51 -10.11 -7.34
C ALA A 435 11.04 -10.55 -7.15
N ILE A 436 10.52 -10.40 -5.93
CA ILE A 436 9.11 -10.65 -5.64
C ILE A 436 8.27 -9.86 -6.64
N ASN A 437 8.41 -8.54 -6.65
CA ASN A 437 7.64 -7.72 -7.55
C ASN A 437 7.68 -8.28 -8.97
N LEU A 438 8.86 -8.60 -9.50
CA LEU A 438 8.92 -9.11 -10.89
C LEU A 438 8.25 -10.47 -11.06
N GLN A 439 8.52 -11.40 -10.14
CA GLN A 439 7.87 -12.70 -10.20
C GLN A 439 6.33 -12.51 -10.21
N ARG A 440 5.85 -11.48 -9.50
CA ARG A 440 4.42 -11.20 -9.36
C ARG A 440 3.77 -10.69 -10.62
N CYS A 441 4.45 -9.78 -11.33
CA CYS A 441 3.96 -9.27 -12.61
C CYS A 441 3.63 -10.47 -13.44
N ARG A 442 4.57 -11.43 -13.44
CA ARG A 442 4.41 -12.63 -14.27
C ARG A 442 3.26 -13.50 -13.77
N ASP A 443 3.22 -13.72 -12.45
CA ASP A 443 2.11 -14.44 -11.79
C ASP A 443 0.73 -13.83 -12.14
N HIS A 444 0.62 -12.51 -12.13
CA HIS A 444 -0.65 -11.80 -12.35
C HIS A 444 -0.95 -11.63 -13.83
N GLY A 445 -0.05 -12.15 -14.66
CA GLY A 445 -0.13 -12.08 -16.12
C GLY A 445 0.03 -10.73 -16.77
N MET A 446 0.87 -9.86 -16.23
CA MET A 446 0.90 -8.55 -16.82
C MET A 446 1.47 -8.42 -18.24
N PRO A 447 0.83 -7.51 -19.00
CA PRO A 447 1.31 -7.24 -20.38
C PRO A 447 2.69 -6.49 -20.14
N GLY A 448 3.60 -6.73 -21.08
CA GLY A 448 4.89 -6.06 -21.11
C GLY A 448 4.81 -4.55 -21.09
N TYR A 449 5.98 -3.93 -21.16
CA TYR A 449 6.17 -2.50 -21.03
C TYR A 449 5.54 -1.75 -22.21
N ASN A 450 5.78 -2.26 -23.42
CA ASN A 450 5.32 -1.58 -24.64
C ASN A 450 3.81 -1.54 -24.80
N SER A 451 3.14 -2.66 -24.48
CA SER A 451 1.68 -2.71 -24.36
C SER A 451 1.18 -1.55 -23.48
N TRP A 452 1.80 -1.36 -22.31
CA TRP A 452 1.36 -0.29 -21.43
C TRP A 452 1.70 1.10 -21.94
N ARG A 453 2.78 1.22 -22.71
CA ARG A 453 3.13 2.51 -23.32
C ARG A 453 2.11 2.79 -24.41
N GLY A 454 1.80 1.73 -25.17
CA GLY A 454 0.74 1.79 -26.16
C GLY A 454 -0.52 2.28 -25.46
N PHE A 455 -0.93 1.59 -24.41
CA PHE A 455 -2.12 1.94 -23.65
C PHE A 455 -2.16 3.40 -23.21
N CYS A 456 -1.00 3.95 -22.90
CA CYS A 456 -0.97 5.30 -22.38
C CYS A 456 -0.69 6.30 -23.47
N GLY A 457 -0.69 5.80 -24.71
CA GLY A 457 -0.57 6.64 -25.89
C GLY A 457 0.81 7.24 -25.94
N LEU A 458 1.80 6.45 -25.52
CA LEU A 458 3.21 6.85 -25.53
C LEU A 458 3.98 6.05 -26.54
N SER A 459 5.12 6.56 -26.96
CA SER A 459 5.96 5.86 -27.92
C SER A 459 6.33 4.44 -27.45
N GLN A 460 6.79 3.60 -28.36
CA GLN A 460 7.07 2.18 -28.02
C GLN A 460 8.40 1.77 -28.62
N PRO A 461 9.48 1.94 -27.84
CA PRO A 461 10.84 1.61 -28.27
C PRO A 461 10.99 0.21 -28.74
N LYS A 462 11.74 0.00 -29.82
CA LYS A 462 11.94 -1.36 -30.30
C LYS A 462 13.40 -1.71 -30.35
N THR A 463 14.24 -0.74 -30.02
CA THR A 463 15.69 -0.88 -30.19
C THR A 463 16.44 -0.41 -28.98
N LEU A 464 17.69 -0.84 -28.84
CA LEU A 464 18.51 -0.30 -27.76
C LEU A 464 18.38 1.24 -27.83
N LYS A 465 18.54 1.77 -29.04
CA LYS A 465 18.55 3.21 -29.25
C LYS A 465 17.24 3.78 -28.80
N GLY A 466 16.15 3.15 -29.23
CA GLY A 466 14.83 3.61 -28.86
C GLY A 466 14.77 3.79 -27.36
N LEU A 467 15.07 2.72 -26.64
CA LEU A 467 15.00 2.70 -25.18
C LEU A 467 15.90 3.73 -24.51
N GLN A 468 17.10 3.94 -25.05
CA GLN A 468 17.98 4.99 -24.55
C GLN A 468 17.26 6.34 -24.51
N ALA A 469 16.58 6.72 -25.59
CA ALA A 469 15.98 8.06 -25.70
C ALA A 469 14.82 8.19 -24.75
N VAL A 470 14.05 7.12 -24.61
CA VAL A 470 12.93 7.18 -23.65
C VAL A 470 13.40 7.27 -22.20
N LEU A 471 14.28 6.37 -21.75
CA LEU A 471 14.74 6.37 -20.37
C LEU A 471 15.76 7.46 -20.12
N LYS A 472 16.33 8.00 -21.17
CA LYS A 472 17.39 8.96 -21.05
C LYS A 472 18.59 8.37 -20.34
N ASN A 473 18.83 7.08 -20.49
CA ASN A 473 20.00 6.47 -19.90
C ASN A 473 20.63 5.42 -20.77
N LYS A 474 21.84 5.63 -21.26
CA LYS A 474 22.46 4.63 -22.10
C LYS A 474 22.77 3.30 -21.44
N VAL A 475 23.35 3.31 -20.24
CA VAL A 475 23.72 2.05 -19.57
C VAL A 475 22.50 1.24 -19.07
N LEU A 476 21.53 1.90 -18.43
CA LEU A 476 20.33 1.22 -18.03
C LEU A 476 19.68 0.57 -19.27
N ALA A 477 19.44 1.38 -20.29
CA ALA A 477 18.87 0.86 -21.53
C ALA A 477 19.53 -0.44 -21.99
N LYS A 478 20.84 -0.51 -21.82
CA LYS A 478 21.68 -1.56 -22.39
C LYS A 478 21.63 -2.80 -21.57
N LYS A 479 21.64 -2.60 -20.26
CA LYS A 479 21.47 -3.70 -19.31
C LYS A 479 20.09 -4.32 -19.57
N LEU A 480 19.05 -3.48 -19.56
CA LEU A 480 17.69 -3.93 -19.87
C LEU A 480 17.57 -4.63 -21.22
N LEU A 481 18.22 -4.12 -22.27
CA LEU A 481 18.13 -4.87 -23.53
C LEU A 481 19.02 -6.12 -23.49
N ASP A 482 20.01 -6.16 -22.60
CA ASP A 482 20.84 -7.35 -22.55
C ASP A 482 20.11 -8.50 -21.89
N LEU A 483 19.20 -8.19 -21.00
CA LEU A 483 18.43 -9.22 -20.35
C LEU A 483 17.08 -9.51 -20.97
N TYR A 484 16.31 -8.48 -21.23
CA TYR A 484 15.03 -8.61 -21.88
C TYR A 484 15.06 -8.99 -23.34
N LYS A 485 15.96 -8.39 -24.07
CA LYS A 485 16.22 -8.69 -25.47
C LYS A 485 15.31 -7.90 -26.38
N THR A 486 14.24 -7.36 -25.83
CA THR A 486 13.36 -6.44 -26.51
C THR A 486 12.58 -5.72 -25.45
N PRO A 487 12.20 -4.49 -25.69
CA PRO A 487 11.36 -3.81 -24.71
C PRO A 487 9.92 -4.43 -24.63
N ASP A 488 9.50 -5.20 -25.64
CA ASP A 488 8.16 -5.75 -25.59
C ASP A 488 8.06 -6.66 -24.36
N ASN A 489 9.20 -7.23 -23.93
CA ASN A 489 9.26 -8.15 -22.77
C ASN A 489 9.52 -7.57 -21.35
N ILE A 490 9.90 -6.30 -21.27
CA ILE A 490 10.26 -5.70 -19.98
C ILE A 490 9.05 -5.71 -19.04
N ASP A 491 9.25 -6.28 -17.86
CA ASP A 491 8.18 -6.33 -16.89
C ASP A 491 7.81 -4.85 -16.54
N ILE A 492 6.50 -4.55 -16.52
CA ILE A 492 5.99 -3.17 -16.24
C ILE A 492 6.62 -2.56 -14.99
N TRP A 493 6.60 -3.29 -13.87
CA TRP A 493 7.20 -2.76 -12.67
C TRP A 493 8.55 -2.08 -12.96
N ILE A 494 9.49 -2.80 -13.58
CA ILE A 494 10.78 -2.20 -13.89
C ILE A 494 10.70 -1.16 -14.97
N GLY A 495 9.90 -1.47 -16.00
CA GLY A 495 9.74 -0.62 -17.14
C GLY A 495 9.33 0.73 -16.68
N GLY A 496 8.25 0.76 -15.92
CA GLY A 496 7.66 1.99 -15.49
C GLY A 496 8.55 2.78 -14.58
N ASN A 497 9.27 2.06 -13.72
CA ASN A 497 10.08 2.70 -12.70
C ASN A 497 11.39 3.25 -13.19
N ALA A 498 11.81 2.73 -14.34
CA ALA A 498 13.03 3.14 -15.01
C ALA A 498 12.95 4.52 -15.64
N GLU A 499 11.72 4.97 -15.87
CA GLU A 499 11.54 6.22 -16.59
C GLU A 499 11.93 7.45 -15.76
N PRO A 500 12.68 8.39 -16.33
CA PRO A 500 12.96 9.49 -15.40
C PRO A 500 11.67 10.17 -14.89
N MET A 501 11.74 10.74 -13.70
CA MET A 501 10.60 11.43 -13.09
C MET A 501 10.13 12.65 -13.88
N VAL A 502 8.82 12.76 -14.07
CA VAL A 502 8.17 13.97 -14.61
C VAL A 502 8.38 15.24 -13.73
N GLU A 503 7.99 16.40 -14.23
CA GLU A 503 8.26 17.63 -13.51
C GLU A 503 7.43 17.72 -12.25
N ARG A 504 8.07 18.06 -11.15
CA ARG A 504 7.43 18.29 -9.84
C ARG A 504 6.64 17.12 -9.28
N GLY A 505 6.98 15.91 -9.75
CA GLY A 505 6.33 14.68 -9.28
C GLY A 505 7.39 13.64 -8.94
N ARG A 506 6.96 12.41 -8.64
CA ARG A 506 7.91 11.34 -8.30
C ARG A 506 7.82 10.07 -9.13
N VAL A 507 7.09 10.15 -10.25
CA VAL A 507 7.04 9.04 -11.19
C VAL A 507 7.22 9.46 -12.67
N GLY A 508 7.57 8.49 -13.51
CA GLY A 508 7.68 8.73 -14.94
C GLY A 508 6.34 8.92 -15.67
N PRO A 509 6.37 9.22 -16.98
CA PRO A 509 5.14 9.42 -17.74
C PRO A 509 4.23 8.18 -17.73
N LEU A 510 4.83 6.98 -17.84
CA LEU A 510 4.03 5.78 -17.94
C LEU A 510 3.22 5.66 -16.69
N LEU A 511 3.87 5.78 -15.53
CA LEU A 511 3.15 5.64 -14.28
C LEU A 511 2.18 6.80 -13.98
N ALA A 512 2.60 8.04 -14.22
CA ALA A 512 1.71 9.18 -13.99
C ALA A 512 0.39 8.92 -14.69
N CYS A 513 0.46 8.22 -15.83
CA CYS A 513 -0.74 7.83 -16.57
C CYS A 513 -1.44 6.67 -15.86
N LEU A 514 -0.68 5.63 -15.52
CA LEU A 514 -1.32 4.49 -14.88
C LEU A 514 -1.91 4.94 -13.57
N LEU A 515 -1.14 5.66 -12.76
CA LEU A 515 -1.63 6.16 -11.46
C LEU A 515 -2.77 7.14 -11.67
N GLY A 516 -2.48 8.27 -12.31
CA GLY A 516 -3.50 9.25 -12.64
C GLY A 516 -4.88 8.70 -12.98
N ARG A 517 -4.97 7.80 -13.94
CA ARG A 517 -6.32 7.32 -14.28
C ARG A 517 -7.00 6.49 -13.18
N GLN A 518 -6.30 5.54 -12.57
CA GLN A 518 -6.87 4.81 -11.43
C GLN A 518 -7.51 5.70 -10.36
N PHE A 519 -6.73 6.64 -9.81
CA PHE A 519 -7.21 7.50 -8.73
C PHE A 519 -8.41 8.34 -9.15
N GLN A 520 -8.32 8.91 -10.35
CA GLN A 520 -9.45 9.60 -10.95
C GLN A 520 -10.73 8.72 -10.92
N GLN A 521 -10.59 7.46 -11.30
CA GLN A 521 -11.74 6.57 -11.30
C GLN A 521 -12.26 6.26 -9.91
N ILE A 522 -11.37 6.16 -8.91
CA ILE A 522 -11.85 5.90 -7.56
C ILE A 522 -12.46 7.13 -6.89
N ARG A 523 -12.04 8.32 -7.31
CA ARG A 523 -12.72 9.53 -6.86
C ARG A 523 -14.04 9.72 -7.65
N ASP A 524 -14.05 9.39 -8.94
CA ASP A 524 -15.26 9.60 -9.73
C ASP A 524 -16.30 8.47 -9.62
N GLY A 525 -15.89 7.34 -9.04
CA GLY A 525 -16.82 6.23 -8.95
C GLY A 525 -17.30 6.02 -7.55
N ASP A 526 -17.01 6.96 -6.65
CA ASP A 526 -17.39 6.83 -5.25
C ASP A 526 -18.69 7.54 -4.92
N ARG A 527 -19.77 6.75 -4.74
CA ARG A 527 -21.07 7.34 -4.38
C ARG A 527 -20.93 8.15 -3.09
N PHE A 528 -19.82 7.94 -2.40
CA PHE A 528 -19.57 8.48 -1.09
C PHE A 528 -18.33 9.36 -0.99
N TRP A 529 -17.81 9.82 -2.13
CA TRP A 529 -16.75 10.82 -2.08
C TRP A 529 -17.25 11.97 -1.21
N TRP A 530 -16.31 12.57 -0.50
CA TRP A 530 -16.66 13.49 0.55
C TRP A 530 -17.24 14.78 0.02
N GLU A 531 -16.75 15.15 -1.17
CA GLU A 531 -17.14 16.39 -1.86
C GLU A 531 -18.34 16.15 -2.73
N ASN A 532 -18.77 14.90 -2.82
CA ASN A 532 -20.01 14.61 -3.47
C ASN A 532 -21.11 15.43 -2.79
N PRO A 533 -21.83 16.26 -3.57
CA PRO A 533 -22.89 17.02 -2.92
C PRO A 533 -23.95 16.05 -2.38
N GLY A 534 -24.37 16.29 -1.14
CA GLY A 534 -25.40 15.48 -0.51
C GLY A 534 -24.88 14.52 0.55
N VAL A 535 -23.57 14.32 0.56
CA VAL A 535 -22.90 13.35 1.43
C VAL A 535 -22.50 13.96 2.77
N PHE A 536 -21.99 15.18 2.71
CA PHE A 536 -21.74 15.99 3.90
C PHE A 536 -22.52 17.32 3.76
N THR A 537 -22.75 18.02 4.86
CA THR A 537 -23.41 19.31 4.74
C THR A 537 -22.35 20.29 4.22
N GLU A 538 -22.77 21.32 3.48
CA GLU A 538 -21.82 22.34 3.02
C GLU A 538 -20.91 22.70 4.18
N LYS A 539 -21.54 23.03 5.31
CA LYS A 539 -20.86 23.42 6.55
C LYS A 539 -19.76 22.42 6.92
N GLN A 540 -20.16 21.14 6.98
CA GLN A 540 -19.29 20.02 7.30
C GLN A 540 -18.05 19.97 6.39
N ARG A 541 -18.25 20.24 5.09
CA ARG A 541 -17.15 20.27 4.12
C ARG A 541 -16.17 21.43 4.34
N ASP A 542 -16.67 22.61 4.70
CA ASP A 542 -15.79 23.75 5.01
C ASP A 542 -14.95 23.47 6.30
N SER A 543 -15.42 22.51 7.10
CA SER A 543 -14.75 22.05 8.33
C SER A 543 -13.69 20.95 8.07
N LEU A 544 -13.83 20.22 6.96
CA LEU A 544 -12.87 19.17 6.62
C LEU A 544 -11.79 19.73 5.73
N GLN A 545 -12.16 20.75 4.95
CA GLN A 545 -11.23 21.36 4.02
C GLN A 545 -9.99 21.87 4.77
N LYS A 546 -10.09 21.93 6.10
CA LYS A 546 -9.00 22.44 6.91
C LYS A 546 -8.05 21.38 7.49
N VAL A 547 -8.49 20.12 7.52
CA VAL A 547 -7.67 19.05 8.13
C VAL A 547 -6.26 19.01 7.58
N SER A 548 -5.32 18.50 8.37
CA SER A 548 -3.93 18.47 7.95
C SER A 548 -3.18 17.34 8.63
N PHE A 549 -2.22 16.74 7.94
CA PHE A 549 -1.43 15.71 8.58
C PHE A 549 -0.63 16.32 9.72
N SER A 550 -0.57 17.64 9.76
CA SER A 550 0.09 18.27 10.88
C SER A 550 -0.87 18.15 12.06
N ARG A 551 -2.12 18.49 11.81
CA ARG A 551 -3.17 18.47 12.80
C ARG A 551 -3.32 17.06 13.39
N LEU A 552 -3.23 16.04 12.53
CA LEU A 552 -3.41 14.67 12.97
C LEU A 552 -2.37 14.27 14.00
N ILE A 553 -1.16 14.82 13.87
CA ILE A 553 -0.10 14.55 14.83
C ILE A 553 -0.40 15.27 16.16
N CYS A 554 -0.67 16.58 16.08
CA CYS A 554 -1.04 17.38 17.24
C CYS A 554 -2.14 16.70 18.10
N ASP A 555 -3.31 16.47 17.51
CA ASP A 555 -4.44 15.87 18.24
C ASP A 555 -4.24 14.43 18.75
N ASN A 556 -3.21 13.74 18.28
CA ASN A 556 -3.08 12.33 18.67
C ASN A 556 -1.72 11.82 19.14
N THR A 557 -0.84 12.77 19.49
CA THR A 557 0.45 12.47 20.12
C THR A 557 0.78 13.59 21.12
N HIS A 558 1.96 13.53 21.75
CA HIS A 558 2.41 14.63 22.60
C HIS A 558 3.44 15.50 21.87
N ILE A 559 3.43 15.45 20.54
CA ILE A 559 4.31 16.33 19.78
C ILE A 559 3.59 17.67 19.76
N THR A 560 4.36 18.73 20.05
CA THR A 560 3.79 20.08 20.18
C THR A 560 4.36 21.07 19.17
N LYS A 561 5.25 20.59 18.31
CA LYS A 561 5.85 21.38 17.21
C LYS A 561 5.86 20.56 15.89
N VAL A 562 5.15 21.07 14.88
CA VAL A 562 5.00 20.37 13.61
C VAL A 562 5.12 21.25 12.36
N PRO A 563 5.51 20.65 11.22
CA PRO A 563 5.64 21.40 9.97
C PRO A 563 4.22 21.69 9.48
N LEU A 564 4.07 22.66 8.59
CA LEU A 564 2.75 22.99 8.09
C LEU A 564 2.41 22.16 6.87
N HIS A 565 3.45 21.77 6.15
CA HIS A 565 3.38 20.94 4.93
C HIS A 565 4.22 19.70 5.22
N ALA A 566 3.55 18.66 5.74
CA ALA A 566 4.23 17.50 6.29
C ALA A 566 5.00 16.64 5.34
N PHE A 567 4.59 16.68 4.07
CA PHE A 567 5.22 15.86 3.03
C PHE A 567 6.43 16.49 2.36
N GLN A 568 6.58 17.81 2.41
CA GLN A 568 7.84 18.31 1.85
C GLN A 568 8.93 18.08 2.90
N ALA A 569 10.19 18.26 2.52
CA ALA A 569 11.30 18.02 3.46
C ALA A 569 11.46 19.19 4.43
N ASN A 570 11.38 18.87 5.74
CA ASN A 570 11.31 19.88 6.82
C ASN A 570 12.30 19.77 7.96
N ASN A 571 13.26 20.70 8.02
CA ASN A 571 14.31 20.67 9.03
C ASN A 571 13.98 21.50 10.28
N TYR A 572 14.29 20.91 11.43
CA TYR A 572 13.95 21.49 12.74
C TYR A 572 15.06 22.42 13.22
N PRO A 573 14.71 23.55 13.85
CA PRO A 573 13.36 24.06 14.12
C PRO A 573 12.82 25.16 13.21
N HIS A 574 13.57 25.56 12.18
CA HIS A 574 13.10 26.56 11.24
C HIS A 574 11.66 26.29 10.77
N ASP A 575 11.48 25.13 10.11
CA ASP A 575 10.23 24.78 9.45
C ASP A 575 9.17 24.32 10.42
N PHE A 576 9.49 24.44 11.71
CA PHE A 576 8.60 23.95 12.75
C PHE A 576 7.94 25.05 13.59
N VAL A 577 6.60 25.00 13.60
CA VAL A 577 5.75 25.88 14.41
C VAL A 577 5.02 25.06 15.50
N ASP A 578 4.57 25.72 16.59
CA ASP A 578 3.79 25.03 17.64
C ASP A 578 2.43 24.67 17.06
N CYS A 579 1.88 23.57 17.61
CA CYS A 579 0.55 23.06 17.25
C CYS A 579 -0.56 24.08 17.35
N SER A 580 -0.41 24.99 18.32
CA SER A 580 -1.33 26.10 18.51
C SER A 580 -1.58 26.88 17.22
N ALA A 581 -0.55 26.99 16.37
CA ALA A 581 -0.67 27.75 15.12
C ALA A 581 -1.41 27.01 13.97
N VAL A 582 -1.89 25.79 14.26
CA VAL A 582 -2.49 24.90 13.25
C VAL A 582 -4.00 24.66 13.33
N ASP A 583 -4.64 24.82 12.18
CA ASP A 583 -6.09 24.68 12.00
C ASP A 583 -6.67 23.39 12.54
N LYS A 584 -7.76 23.53 13.31
CA LYS A 584 -8.42 22.38 13.88
C LYS A 584 -9.65 21.91 13.09
N LEU A 585 -9.90 20.62 13.17
CA LEU A 585 -11.08 20.04 12.58
C LEU A 585 -12.24 20.46 13.49
N ASP A 586 -12.93 21.54 13.11
CA ASP A 586 -14.07 21.98 13.89
C ASP A 586 -15.25 21.06 13.66
N LEU A 587 -15.54 20.25 14.69
CA LEU A 587 -16.63 19.29 14.60
C LEU A 587 -17.98 19.90 14.94
N SER A 588 -18.02 21.20 15.24
CA SER A 588 -19.30 21.85 15.62
C SER A 588 -20.46 21.62 14.63
N PRO A 589 -20.22 21.63 13.30
CA PRO A 589 -21.28 21.40 12.30
C PRO A 589 -21.87 19.97 12.28
N TRP A 590 -21.49 19.12 13.23
CA TRP A 590 -22.03 17.78 13.29
C TRP A 590 -23.06 17.67 14.42
N ALA A 591 -23.43 18.83 14.97
CA ALA A 591 -24.42 18.88 16.04
C ALA A 591 -25.80 18.50 15.50
N SER A 592 -26.40 17.48 16.12
CA SER A 592 -27.75 17.04 15.74
C SER A 592 -28.68 17.05 16.97
N ARG A 593 -29.31 18.21 17.18
CA ARG A 593 -30.19 18.49 18.32
C ARG A 593 -31.67 18.29 17.97
N GLU A 594 -32.26 17.35 18.68
CA GLU A 594 -33.59 16.86 18.40
C GLU A 594 -34.64 17.96 18.46
N ASN A 595 -34.58 18.82 19.45
CA ASN A 595 -35.50 19.95 19.47
C ASN A 595 -34.82 21.21 19.00
#